data_1CS6
#
_entry.id   1CS6
#
_cell.length_a   60.583
_cell.length_b   45.540
_cell.length_c   99.548
_cell.angle_alpha   90.00
_cell.angle_beta   96.14
_cell.angle_gamma   90.00
#
_symmetry.space_group_name_H-M   'P 1 21 1'
#
loop_
_entity.id
_entity.type
_entity.pdbx_description
1 polymer AXONIN-1
2 non-polymer GLYCEROL
3 water water
#
_entity_poly.entity_id   1
_entity_poly.type   'polypeptide(L)'
_entity_poly.pdbx_seq_one_letter_code
;RSYGPVFEEQPAHTLFPEGSAEEKVTLTCRARANPPATYRWKMNGTELKMGPDSRYRLVAGDLVISNPVKAKDAGSYQCV
ATNARGTVVSREASLRFGFLQEFSAEERDPVKITEGWGVMFTCSPPPHYPALSYRWLLNEFPNFIPADGRRFVSQTTGNL
YIAKTEASDLGNYSCFATSHIDFITKSVFSKFSQLSLAAEDARQYAPSIKAKFPADTYALTGQMVTLECFAFGNPVPQIK
WRKLDGSQTSKWLSSEPLLHIQNVDFEDEGTYECEAENIKGRDTYQGRIIIHAQPDWLDVITDTEADIGSDLRWSCVASG
KPRPAVRWLRDGQPLASQNRIEVSGGELRFSKLVLEDSGMYQCVAENKHGTVYASAELTVQA
;
_entity_poly.pdbx_strand_id   A
#
loop_
_chem_comp.id
_chem_comp.type
_chem_comp.name
_chem_comp.formula
GOL non-polymer GLYCEROL 'C3 H8 O3'
#
# COMPACT_ATOMS: atom_id res chain seq x y z
N ARG A 1 17.86 -32.88 -18.69
CA ARG A 1 17.61 -33.71 -17.48
C ARG A 1 16.35 -33.24 -16.75
N SER A 2 15.81 -34.10 -15.88
CA SER A 2 14.61 -33.80 -15.12
C SER A 2 14.92 -32.94 -13.90
N TYR A 3 14.06 -31.96 -13.62
CA TYR A 3 14.27 -31.08 -12.48
C TYR A 3 12.94 -30.49 -11.97
N GLY A 4 12.89 -30.20 -10.68
CA GLY A 4 11.69 -29.65 -10.07
C GLY A 4 11.25 -28.31 -10.63
N PRO A 5 10.00 -27.91 -10.35
CA PRO A 5 9.42 -26.64 -10.81
C PRO A 5 10.21 -25.42 -10.35
N VAL A 6 10.34 -24.44 -11.25
CA VAL A 6 11.05 -23.20 -10.95
C VAL A 6 10.23 -22.03 -11.49
N PHE A 7 9.73 -21.19 -10.59
CA PHE A 7 8.91 -20.05 -10.98
C PHE A 7 9.64 -19.02 -11.83
N GLU A 8 8.97 -18.56 -12.87
CA GLU A 8 9.50 -17.54 -13.77
C GLU A 8 8.55 -16.34 -13.67
N GLU A 9 7.30 -16.63 -13.33
CA GLU A 9 6.27 -15.61 -13.17
C GLU A 9 5.32 -16.05 -12.07
N GLN A 10 5.12 -15.18 -11.09
CA GLN A 10 4.23 -15.45 -9.97
C GLN A 10 3.09 -14.44 -9.93
N PRO A 11 1.96 -14.82 -9.32
CA PRO A 11 0.81 -13.90 -9.25
C PRO A 11 1.13 -12.59 -8.53
N ALA A 12 0.51 -11.50 -8.99
CA ALA A 12 0.72 -10.19 -8.39
C ALA A 12 -0.58 -9.66 -7.81
N HIS A 13 -0.46 -8.84 -6.76
CA HIS A 13 -1.64 -8.25 -6.14
C HIS A 13 -2.43 -7.59 -7.27
N THR A 14 -3.74 -7.81 -7.26
CA THR A 14 -4.60 -7.28 -8.31
C THR A 14 -5.82 -6.51 -7.80
N LEU A 15 -6.05 -5.34 -8.40
CA LEU A 15 -7.18 -4.50 -8.04
C LEU A 15 -8.08 -4.47 -9.27
N PHE A 16 -9.26 -5.06 -9.14
CA PHE A 16 -10.21 -5.12 -10.25
C PHE A 16 -11.24 -4.00 -10.19
N PRO A 17 -11.28 -3.15 -11.23
CA PRO A 17 -12.22 -2.03 -11.32
C PRO A 17 -13.63 -2.55 -11.57
N GLU A 18 -14.50 -2.43 -10.58
CA GLU A 18 -15.87 -2.91 -10.73
C GLU A 18 -16.59 -2.13 -11.84
N GLY A 19 -17.43 -2.84 -12.59
CA GLY A 19 -18.15 -2.20 -13.68
C GLY A 19 -17.50 -2.37 -15.04
N SER A 20 -16.19 -2.15 -15.09
CA SER A 20 -15.44 -2.27 -16.35
C SER A 20 -15.96 -3.40 -17.22
N ALA A 21 -15.99 -3.16 -18.53
CA ALA A 21 -16.48 -4.16 -19.49
C ALA A 21 -15.83 -5.52 -19.22
N GLU A 22 -14.56 -5.49 -18.83
CA GLU A 22 -13.82 -6.70 -18.53
C GLU A 22 -14.67 -7.61 -17.65
N GLU A 23 -15.09 -8.75 -18.19
CA GLU A 23 -15.91 -9.68 -17.43
C GLU A 23 -15.13 -10.86 -16.85
N LYS A 24 -13.87 -10.62 -16.53
CA LYS A 24 -13.02 -11.66 -15.96
C LYS A 24 -11.65 -11.10 -15.59
N VAL A 25 -11.01 -11.74 -14.61
CA VAL A 25 -9.69 -11.32 -14.15
C VAL A 25 -8.74 -12.51 -14.20
N THR A 26 -7.47 -12.25 -14.51
CA THR A 26 -6.48 -13.31 -14.60
C THR A 26 -5.27 -13.10 -13.68
N LEU A 27 -4.87 -14.17 -12.99
CA LEU A 27 -3.73 -14.14 -12.10
C LEU A 27 -2.65 -14.98 -12.76
N THR A 28 -1.51 -14.36 -13.05
CA THR A 28 -0.42 -15.05 -13.74
C THR A 28 0.44 -15.98 -12.89
N CYS A 29 0.88 -17.07 -13.51
CA CYS A 29 1.75 -18.05 -12.87
C CYS A 29 2.39 -18.93 -13.93
N ARG A 30 3.71 -19.05 -13.87
CA ARG A 30 4.45 -19.87 -14.82
C ARG A 30 5.69 -20.45 -14.15
N ALA A 31 5.85 -21.76 -14.30
CA ALA A 31 7.00 -22.45 -13.71
C ALA A 31 7.62 -23.38 -14.75
N ARG A 32 8.93 -23.26 -14.94
CA ARG A 32 9.63 -24.11 -15.89
C ARG A 32 9.97 -25.40 -15.17
N ALA A 33 9.92 -26.51 -15.88
CA ALA A 33 10.22 -27.81 -15.28
C ALA A 33 10.33 -28.92 -16.31
N ASN A 34 10.91 -30.03 -15.89
CA ASN A 34 11.08 -31.19 -16.76
C ASN A 34 10.83 -32.48 -15.98
N PRO A 35 9.72 -33.16 -16.29
CA PRO A 35 8.72 -32.77 -17.29
C PRO A 35 7.98 -31.49 -16.90
N PRO A 36 7.26 -30.87 -17.87
CA PRO A 36 6.52 -29.64 -17.59
C PRO A 36 5.64 -29.81 -16.35
N ALA A 37 5.58 -28.79 -15.52
CA ALA A 37 4.80 -28.86 -14.29
C ALA A 37 3.31 -28.72 -14.50
N THR A 38 2.55 -29.12 -13.48
CA THR A 38 1.10 -29.02 -13.48
C THR A 38 0.80 -27.96 -12.44
N TYR A 39 -0.34 -27.30 -12.54
CA TYR A 39 -0.67 -26.25 -11.58
C TYR A 39 -1.96 -26.44 -10.80
N ARG A 40 -1.98 -25.80 -9.63
CA ARG A 40 -3.13 -25.83 -8.75
C ARG A 40 -3.14 -24.51 -7.98
N TRP A 41 -4.30 -23.87 -7.94
CA TRP A 41 -4.42 -22.60 -7.22
C TRP A 41 -5.16 -22.75 -5.92
N LYS A 42 -4.71 -22.02 -4.91
CA LYS A 42 -5.33 -22.04 -3.60
C LYS A 42 -5.78 -20.63 -3.25
N MET A 43 -6.89 -20.53 -2.53
CA MET A 43 -7.42 -19.24 -2.11
C MET A 43 -7.58 -19.27 -0.61
N ASN A 44 -6.97 -18.31 0.08
CA ASN A 44 -7.06 -18.25 1.53
C ASN A 44 -6.64 -19.59 2.15
N GLY A 45 -5.63 -20.21 1.57
CA GLY A 45 -5.15 -21.49 2.08
C GLY A 45 -5.84 -22.73 1.56
N THR A 46 -7.06 -22.58 1.05
CA THR A 46 -7.80 -23.72 0.53
C THR A 46 -7.72 -23.82 -1.00
N GLU A 47 -7.51 -25.03 -1.50
CA GLU A 47 -7.41 -25.26 -2.93
C GLU A 47 -8.73 -24.94 -3.65
N LEU A 48 -8.61 -24.40 -4.85
CA LEU A 48 -9.77 -24.04 -5.66
C LEU A 48 -10.42 -25.23 -6.33
N LYS A 49 -11.75 -25.30 -6.22
CA LYS A 49 -12.51 -26.38 -6.84
C LYS A 49 -12.72 -26.04 -8.31
N MET A 50 -11.91 -26.63 -9.17
CA MET A 50 -11.99 -26.38 -10.61
C MET A 50 -13.14 -27.16 -11.26
N GLY A 51 -13.13 -27.20 -12.58
CA GLY A 51 -14.17 -27.92 -13.31
C GLY A 51 -14.86 -27.07 -14.35
N PRO A 52 -15.68 -27.69 -15.22
CA PRO A 52 -16.40 -26.96 -16.27
C PRO A 52 -17.55 -26.15 -15.69
N ASP A 53 -18.11 -26.63 -14.59
CA ASP A 53 -19.21 -25.96 -13.92
C ASP A 53 -18.68 -24.98 -12.89
N SER A 54 -17.39 -24.68 -12.99
CA SER A 54 -16.75 -23.76 -12.05
C SER A 54 -16.40 -22.44 -12.73
N ARG A 55 -16.36 -21.37 -11.94
CA ARG A 55 -16.05 -20.04 -12.45
C ARG A 55 -14.56 -19.89 -12.73
N TYR A 56 -13.78 -20.91 -12.39
CA TYR A 56 -12.34 -20.86 -12.61
C TYR A 56 -11.94 -21.72 -13.81
N ARG A 57 -10.87 -21.28 -14.49
CA ARG A 57 -10.35 -21.99 -15.64
C ARG A 57 -8.86 -21.64 -15.75
N LEU A 58 -8.05 -22.63 -16.12
CA LEU A 58 -6.62 -22.40 -16.24
C LEU A 58 -6.16 -22.23 -17.68
N VAL A 59 -5.17 -21.38 -17.87
CA VAL A 59 -4.60 -21.12 -19.18
C VAL A 59 -3.09 -21.23 -19.05
N ALA A 60 -2.58 -22.45 -19.08
CA ALA A 60 -1.15 -22.69 -18.96
C ALA A 60 -0.59 -22.07 -17.68
N GLY A 61 -1.15 -22.46 -16.54
CA GLY A 61 -0.67 -21.92 -15.29
C GLY A 61 -1.45 -20.74 -14.75
N ASP A 62 -1.82 -19.80 -15.62
CA ASP A 62 -2.57 -18.63 -15.18
C ASP A 62 -3.99 -19.01 -14.77
N LEU A 63 -4.47 -18.37 -13.71
CA LEU A 63 -5.83 -18.61 -13.23
C LEU A 63 -6.76 -17.54 -13.79
N VAL A 64 -7.90 -17.98 -14.32
CA VAL A 64 -8.86 -17.05 -14.89
C VAL A 64 -10.21 -17.16 -14.17
N ILE A 65 -10.66 -16.03 -13.63
CA ILE A 65 -11.93 -15.99 -12.91
C ILE A 65 -12.97 -15.21 -13.72
N SER A 66 -14.05 -15.88 -14.07
CA SER A 66 -15.12 -15.25 -14.85
C SER A 66 -16.08 -14.48 -13.94
N ASN A 67 -16.51 -13.31 -14.41
CA ASN A 67 -17.41 -12.47 -13.65
C ASN A 67 -16.97 -12.31 -12.20
N PRO A 68 -15.79 -11.69 -11.98
CA PRO A 68 -15.25 -11.47 -10.64
C PRO A 68 -16.12 -10.56 -9.77
N VAL A 69 -16.28 -10.94 -8.51
CA VAL A 69 -17.06 -10.17 -7.54
C VAL A 69 -16.37 -10.26 -6.19
N LYS A 70 -16.40 -9.18 -5.41
CA LYS A 70 -15.75 -9.15 -4.10
C LYS A 70 -16.31 -10.20 -3.15
N ALA A 71 -17.63 -10.23 -3.03
CA ALA A 71 -18.31 -11.15 -2.12
C ALA A 71 -17.85 -12.59 -2.25
N LYS A 72 -17.37 -12.98 -3.42
CA LYS A 72 -16.93 -14.35 -3.63
C LYS A 72 -15.48 -14.54 -4.07
N ASP A 73 -14.90 -13.53 -4.71
CA ASP A 73 -13.54 -13.64 -5.20
C ASP A 73 -12.46 -12.87 -4.44
N ALA A 74 -12.87 -11.89 -3.64
CA ALA A 74 -11.90 -11.10 -2.89
C ALA A 74 -11.16 -12.01 -1.91
N GLY A 75 -9.83 -11.99 -1.97
CA GLY A 75 -9.05 -12.82 -1.08
C GLY A 75 -7.60 -12.97 -1.51
N SER A 76 -6.88 -13.89 -0.90
CA SER A 76 -5.47 -14.11 -1.22
C SER A 76 -5.29 -15.41 -2.02
N TYR A 77 -4.67 -15.30 -3.18
CA TYR A 77 -4.44 -16.46 -4.04
C TYR A 77 -2.99 -16.91 -4.08
N GLN A 78 -2.79 -18.22 -4.22
CA GLN A 78 -1.44 -18.77 -4.29
C GLN A 78 -1.37 -19.84 -5.39
N CYS A 79 -0.25 -19.87 -6.09
CA CYS A 79 -0.04 -20.82 -7.17
C CYS A 79 0.88 -21.94 -6.71
N VAL A 80 0.52 -23.18 -7.06
CA VAL A 80 1.32 -24.35 -6.68
C VAL A 80 1.79 -25.06 -7.94
N ALA A 81 3.11 -25.12 -8.13
CA ALA A 81 3.69 -25.80 -9.29
C ALA A 81 4.22 -27.16 -8.88
N THR A 82 3.87 -28.19 -9.63
CA THR A 82 4.32 -29.54 -9.30
C THR A 82 4.71 -30.39 -10.50
N ASN A 83 5.67 -31.29 -10.26
CA ASN A 83 6.14 -32.21 -11.28
C ASN A 83 6.73 -33.40 -10.53
N ALA A 84 7.18 -34.42 -11.27
CA ALA A 84 7.74 -35.61 -10.67
C ALA A 84 8.75 -35.32 -9.55
N ARG A 85 9.63 -34.36 -9.77
CA ARG A 85 10.65 -34.00 -8.80
C ARG A 85 10.13 -33.40 -7.49
N GLY A 86 9.08 -32.58 -7.56
CA GLY A 86 8.56 -31.98 -6.34
C GLY A 86 7.56 -30.85 -6.52
N THR A 87 7.29 -30.14 -5.43
CA THR A 87 6.32 -29.04 -5.44
C THR A 87 6.83 -27.77 -4.75
N VAL A 88 6.48 -26.63 -5.31
CA VAL A 88 6.86 -25.33 -4.75
C VAL A 88 5.64 -24.41 -4.83
N VAL A 89 5.49 -23.54 -3.84
CA VAL A 89 4.36 -22.62 -3.83
C VAL A 89 4.83 -21.21 -4.17
N SER A 90 3.95 -20.42 -4.76
CA SER A 90 4.29 -19.05 -5.13
C SER A 90 3.94 -18.08 -4.03
N ARG A 91 4.36 -16.83 -4.22
CA ARG A 91 4.05 -15.78 -3.27
C ARG A 91 2.53 -15.64 -3.38
N GLU A 92 1.90 -15.11 -2.34
CA GLU A 92 0.46 -14.94 -2.39
C GLU A 92 0.11 -13.61 -3.05
N ALA A 93 -1.03 -13.57 -3.73
CA ALA A 93 -1.47 -12.34 -4.39
C ALA A 93 -2.88 -12.01 -3.94
N SER A 94 -3.09 -10.77 -3.53
CA SER A 94 -4.41 -10.33 -3.08
C SER A 94 -5.23 -9.80 -4.24
N LEU A 95 -6.50 -10.20 -4.29
CA LEU A 95 -7.40 -9.73 -5.32
C LEU A 95 -8.40 -8.83 -4.59
N ARG A 96 -8.41 -7.56 -4.94
CA ARG A 96 -9.31 -6.59 -4.32
C ARG A 96 -10.14 -5.92 -5.39
N PHE A 97 -11.25 -5.29 -4.99
CA PHE A 97 -12.14 -4.64 -5.94
C PHE A 97 -12.27 -3.15 -5.70
N GLY A 98 -12.06 -2.38 -6.75
CA GLY A 98 -12.15 -0.94 -6.65
C GLY A 98 -13.54 -0.44 -6.99
N PHE A 99 -13.98 0.58 -6.24
CA PHE A 99 -15.29 1.15 -6.46
C PHE A 99 -15.34 2.56 -5.88
N LEU A 100 -16.33 3.32 -6.33
CA LEU A 100 -16.55 4.69 -5.86
C LEU A 100 -18.03 4.99 -6.04
N GLN A 101 -18.75 5.06 -4.93
CA GLN A 101 -20.17 5.36 -4.96
C GLN A 101 -20.36 6.86 -5.06
N GLU A 102 -21.58 7.28 -5.39
CA GLU A 102 -21.90 8.70 -5.47
C GLU A 102 -22.06 9.19 -4.04
N PHE A 103 -22.00 10.51 -3.85
CA PHE A 103 -22.23 11.06 -2.53
C PHE A 103 -23.72 10.85 -2.31
N SER A 104 -24.17 11.09 -1.09
CA SER A 104 -25.58 10.97 -0.73
C SER A 104 -26.40 11.96 -1.57
N ALA A 105 -27.70 11.72 -1.71
CA ALA A 105 -28.55 12.64 -2.47
C ALA A 105 -29.04 13.76 -1.55
N GLU A 106 -28.80 13.64 -0.25
CA GLU A 106 -29.25 14.66 0.70
C GLU A 106 -28.57 16.01 0.49
N GLU A 107 -29.35 17.07 0.69
CA GLU A 107 -28.85 18.43 0.56
C GLU A 107 -27.82 18.65 1.65
N ARG A 108 -26.83 19.49 1.38
CA ARG A 108 -25.79 19.77 2.33
C ARG A 108 -26.04 21.02 3.15
N ASP A 109 -25.62 20.97 4.41
CA ASP A 109 -25.83 22.10 5.31
C ASP A 109 -25.05 23.33 4.91
N PRO A 110 -25.66 24.51 5.06
CA PRO A 110 -24.99 25.76 4.72
C PRO A 110 -24.02 26.09 5.84
N VAL A 111 -23.19 27.09 5.58
CA VAL A 111 -22.21 27.54 6.56
C VAL A 111 -22.22 29.06 6.57
N LYS A 112 -22.27 29.64 7.76
CA LYS A 112 -22.21 31.09 7.90
C LYS A 112 -21.09 31.34 8.88
N ILE A 113 -20.18 32.24 8.52
CA ILE A 113 -19.04 32.55 9.38
C ILE A 113 -18.68 34.03 9.21
N THR A 114 -18.03 34.59 10.22
CA THR A 114 -17.63 35.99 10.18
C THR A 114 -16.52 36.19 9.15
N GLU A 115 -16.70 37.13 8.23
CA GLU A 115 -15.68 37.38 7.23
C GLU A 115 -14.38 37.69 7.96
N GLY A 116 -13.32 36.98 7.60
CA GLY A 116 -12.04 37.18 8.27
C GLY A 116 -11.65 35.91 9.01
N TRP A 117 -12.64 35.21 9.55
CA TRP A 117 -12.41 33.95 10.25
C TRP A 117 -12.05 32.92 9.19
N GLY A 118 -11.30 31.91 9.58
CA GLY A 118 -10.99 30.85 8.63
C GLY A 118 -12.17 29.89 8.71
N VAL A 119 -12.28 28.95 7.78
CA VAL A 119 -13.38 27.99 7.85
C VAL A 119 -12.99 26.68 7.18
N MET A 120 -13.61 25.59 7.61
CA MET A 120 -13.33 24.29 7.02
C MET A 120 -14.65 23.66 6.58
N PHE A 121 -14.69 23.20 5.34
CA PHE A 121 -15.89 22.52 4.83
C PHE A 121 -15.59 21.04 4.90
N THR A 122 -16.53 20.25 5.40
CA THR A 122 -16.29 18.82 5.50
C THR A 122 -16.76 18.11 4.24
N CYS A 123 -15.90 17.28 3.67
CA CYS A 123 -16.24 16.54 2.47
C CYS A 123 -17.21 15.39 2.75
N SER A 124 -16.83 14.49 3.64
CA SER A 124 -17.64 13.32 3.97
C SER A 124 -17.80 12.47 2.71
N PRO A 125 -16.67 12.00 2.16
CA PRO A 125 -16.69 11.18 0.96
C PRO A 125 -17.51 9.90 1.11
N PRO A 126 -18.14 9.45 0.02
CA PRO A 126 -18.96 8.24 0.02
C PRO A 126 -18.06 7.00 0.07
N PRO A 127 -18.65 5.81 0.25
CA PRO A 127 -17.89 4.56 0.30
C PRO A 127 -17.04 4.40 -0.96
N HIS A 128 -15.82 3.91 -0.78
CA HIS A 128 -14.91 3.74 -1.90
C HIS A 128 -13.70 2.91 -1.52
N TYR A 129 -12.95 2.53 -2.54
CA TYR A 129 -11.70 1.80 -2.40
C TYR A 129 -11.06 1.75 -3.77
N PRO A 130 -9.76 2.10 -3.87
CA PRO A 130 -8.88 2.55 -2.78
C PRO A 130 -9.02 4.06 -2.57
N ALA A 131 -8.10 4.64 -1.80
CA ALA A 131 -8.11 6.07 -1.50
C ALA A 131 -8.24 6.96 -2.75
N LEU A 132 -8.93 8.08 -2.57
CA LEU A 132 -9.20 9.03 -3.64
C LEU A 132 -8.37 10.30 -3.58
N SER A 133 -8.48 11.11 -4.64
CA SER A 133 -7.80 12.40 -4.68
C SER A 133 -8.99 13.36 -4.60
N TYR A 134 -8.79 14.51 -3.96
CA TYR A 134 -9.87 15.45 -3.77
C TYR A 134 -9.63 16.88 -4.23
N ARG A 135 -10.73 17.51 -4.66
CA ARG A 135 -10.76 18.89 -5.11
C ARG A 135 -12.13 19.44 -4.72
N TRP A 136 -12.31 20.75 -4.79
CA TRP A 136 -13.61 21.33 -4.50
C TRP A 136 -14.07 22.22 -5.66
N LEU A 137 -15.37 22.28 -5.84
CA LEU A 137 -15.96 23.09 -6.91
C LEU A 137 -16.70 24.27 -6.32
N LEU A 138 -16.61 25.42 -6.99
CA LEU A 138 -17.31 26.61 -6.53
C LEU A 138 -18.45 26.87 -7.51
N ASN A 139 -19.68 26.75 -7.00
CA ASN A 139 -20.91 26.97 -7.73
C ASN A 139 -21.26 25.91 -8.79
N GLU A 140 -20.32 25.55 -9.64
CA GLU A 140 -20.58 24.55 -10.66
C GLU A 140 -19.34 23.87 -11.21
N PHE A 141 -19.55 22.69 -11.80
CA PHE A 141 -18.46 21.95 -12.43
C PHE A 141 -18.24 22.73 -13.73
N PRO A 142 -16.98 22.88 -14.17
CA PRO A 142 -15.73 22.40 -13.60
C PRO A 142 -14.94 23.56 -12.98
N ASN A 143 -15.61 24.38 -12.16
CA ASN A 143 -14.95 25.52 -11.54
C ASN A 143 -14.24 25.09 -10.25
N PHE A 144 -13.11 24.41 -10.42
CA PHE A 144 -12.34 23.93 -9.28
C PHE A 144 -11.68 25.08 -8.54
N ILE A 145 -11.55 24.93 -7.23
CA ILE A 145 -10.93 25.94 -6.39
C ILE A 145 -9.43 25.68 -6.42
N PRO A 146 -8.64 26.67 -6.87
CA PRO A 146 -7.20 26.50 -6.95
C PRO A 146 -6.47 26.48 -5.61
N ALA A 147 -5.33 25.80 -5.57
CA ALA A 147 -4.51 25.74 -4.37
C ALA A 147 -3.69 27.03 -4.42
N ASP A 148 -4.26 28.11 -3.90
CA ASP A 148 -3.61 29.42 -3.94
C ASP A 148 -3.01 29.91 -2.64
N GLY A 149 -2.77 29.02 -1.69
CA GLY A 149 -2.19 29.45 -0.42
C GLY A 149 -3.23 29.85 0.62
N ARG A 150 -4.41 30.28 0.17
CA ARG A 150 -5.48 30.68 1.10
C ARG A 150 -6.55 29.60 1.16
N ARG A 151 -6.61 28.78 0.13
CA ARG A 151 -7.59 27.69 0.03
C ARG A 151 -6.84 26.39 -0.20
N PHE A 152 -7.08 25.43 0.68
CA PHE A 152 -6.37 24.16 0.67
C PHE A 152 -7.31 22.98 0.83
N VAL A 153 -7.07 21.92 0.05
CA VAL A 153 -7.90 20.72 0.15
C VAL A 153 -7.04 19.57 0.68
N SER A 154 -7.42 19.03 1.83
CA SER A 154 -6.69 17.91 2.43
C SER A 154 -6.90 16.68 1.58
N GLN A 155 -5.82 15.95 1.29
CA GLN A 155 -5.96 14.74 0.49
C GLN A 155 -6.20 13.53 1.39
N THR A 156 -6.24 13.76 2.69
CA THR A 156 -6.50 12.67 3.63
C THR A 156 -8.00 12.61 3.91
N THR A 157 -8.60 13.75 4.22
CA THR A 157 -10.02 13.81 4.54
C THR A 157 -10.89 14.35 3.41
N GLY A 158 -10.27 15.10 2.50
CA GLY A 158 -10.98 15.71 1.42
C GLY A 158 -11.57 17.05 1.84
N ASN A 159 -11.33 17.44 3.10
CA ASN A 159 -11.88 18.71 3.59
C ASN A 159 -11.25 19.95 2.98
N LEU A 160 -12.07 20.97 2.77
CA LEU A 160 -11.62 22.25 2.23
C LEU A 160 -11.42 23.27 3.35
N TYR A 161 -10.23 23.86 3.36
CA TYR A 161 -9.87 24.86 4.35
C TYR A 161 -9.62 26.21 3.69
N ILE A 162 -10.16 27.27 4.28
CA ILE A 162 -9.95 28.63 3.79
C ILE A 162 -9.29 29.32 4.98
N ALA A 163 -8.06 29.78 4.78
CA ALA A 163 -7.31 30.39 5.87
C ALA A 163 -7.88 31.68 6.46
N LYS A 164 -8.56 32.45 5.62
CA LYS A 164 -9.15 33.72 5.98
C LYS A 164 -10.26 33.95 4.96
N THR A 165 -11.51 33.91 5.39
CA THR A 165 -12.61 34.11 4.46
C THR A 165 -12.66 35.56 4.01
N GLU A 166 -13.03 35.76 2.75
CA GLU A 166 -13.13 37.10 2.16
C GLU A 166 -14.42 37.15 1.35
N ALA A 167 -14.91 38.35 1.05
CA ALA A 167 -16.16 38.49 0.31
C ALA A 167 -16.25 37.66 -0.97
N SER A 168 -15.12 37.45 -1.64
CA SER A 168 -15.13 36.67 -2.88
C SER A 168 -15.46 35.20 -2.66
N ASP A 169 -15.47 34.76 -1.41
CA ASP A 169 -15.77 33.37 -1.10
C ASP A 169 -17.27 33.07 -1.12
N LEU A 170 -18.09 34.10 -1.12
CA LEU A 170 -19.54 33.89 -1.13
C LEU A 170 -19.88 33.01 -2.32
N GLY A 171 -20.61 31.93 -2.06
CA GLY A 171 -20.97 31.02 -3.13
C GLY A 171 -21.31 29.65 -2.57
N ASN A 172 -21.42 28.67 -3.45
CA ASN A 172 -21.77 27.33 -3.04
C ASN A 172 -20.60 26.39 -3.28
N TYR A 173 -20.42 25.45 -2.36
CA TYR A 173 -19.28 24.53 -2.38
C TYR A 173 -19.56 23.04 -2.46
N SER A 174 -18.85 22.35 -3.36
CA SER A 174 -19.02 20.92 -3.55
C SER A 174 -17.70 20.15 -3.50
N CYS A 175 -17.72 18.98 -2.87
CA CYS A 175 -16.54 18.13 -2.79
C CYS A 175 -16.49 17.24 -4.03
N PHE A 176 -15.36 17.29 -4.75
CA PHE A 176 -15.14 16.53 -5.98
C PHE A 176 -14.12 15.43 -5.67
N ALA A 177 -14.53 14.18 -5.84
CA ALA A 177 -13.65 13.05 -5.53
C ALA A 177 -13.33 12.17 -6.73
N THR A 178 -12.06 11.79 -6.86
CA THR A 178 -11.62 11.00 -8.00
C THR A 178 -10.90 9.69 -7.67
N SER A 179 -11.30 8.63 -8.36
CA SER A 179 -10.70 7.32 -8.23
C SER A 179 -9.94 7.06 -9.52
N HIS A 180 -8.67 6.68 -9.39
CA HIS A 180 -7.84 6.39 -10.55
C HIS A 180 -7.23 5.01 -10.36
N ILE A 181 -7.59 4.09 -11.25
CA ILE A 181 -7.09 2.72 -11.19
C ILE A 181 -6.65 2.34 -12.59
N ASP A 182 -5.37 1.98 -12.73
CA ASP A 182 -4.78 1.65 -14.02
C ASP A 182 -4.97 2.87 -14.92
N PHE A 183 -5.68 2.71 -16.04
CA PHE A 183 -5.90 3.83 -16.93
C PHE A 183 -7.30 4.41 -16.76
N ILE A 184 -8.08 3.83 -15.87
CA ILE A 184 -9.46 4.26 -15.63
C ILE A 184 -9.64 5.27 -14.52
N THR A 185 -10.33 6.38 -14.82
CA THR A 185 -10.58 7.42 -13.83
C THR A 185 -12.08 7.65 -13.70
N LYS A 186 -12.55 7.75 -12.47
CA LYS A 186 -13.97 8.01 -12.19
C LYS A 186 -14.06 9.07 -11.10
N SER A 187 -14.85 10.11 -11.35
CA SER A 187 -15.03 11.18 -10.38
C SER A 187 -16.51 11.36 -10.05
N VAL A 188 -16.78 11.75 -8.81
CA VAL A 188 -18.13 12.03 -8.35
C VAL A 188 -18.04 13.29 -7.49
N PHE A 189 -19.09 14.11 -7.48
CA PHE A 189 -19.07 15.29 -6.63
C PHE A 189 -20.37 15.44 -5.85
N SER A 190 -20.27 16.10 -4.71
CA SER A 190 -21.42 16.29 -3.83
C SER A 190 -22.31 17.44 -4.24
N LYS A 191 -23.48 17.52 -3.61
CA LYS A 191 -24.35 18.65 -3.86
C LYS A 191 -23.60 19.81 -3.22
N PHE A 192 -24.03 21.03 -3.53
CA PHE A 192 -23.35 22.24 -3.04
C PHE A 192 -23.92 22.85 -1.77
N SER A 193 -23.02 23.27 -0.88
CA SER A 193 -23.43 23.91 0.37
C SER A 193 -23.13 25.41 0.27
N GLN A 194 -24.07 26.23 0.72
CA GLN A 194 -23.89 27.67 0.62
C GLN A 194 -23.10 28.31 1.74
N LEU A 195 -22.11 29.12 1.38
CA LEU A 195 -21.33 29.86 2.36
C LEU A 195 -21.82 31.32 2.35
N SER A 196 -22.22 31.80 3.52
CA SER A 196 -22.64 33.19 3.69
C SER A 196 -21.69 33.75 4.75
N LEU A 197 -21.52 35.08 4.78
CA LEU A 197 -20.59 35.69 5.71
C LEU A 197 -21.22 36.80 6.54
N ALA A 198 -20.91 36.80 7.83
CA ALA A 198 -21.41 37.81 8.74
C ALA A 198 -20.49 39.01 8.66
N ALA A 199 -20.90 40.11 9.27
CA ALA A 199 -20.11 41.33 9.26
C ALA A 199 -18.65 41.01 9.55
N GLU A 200 -17.78 41.56 8.71
CA GLU A 200 -16.34 41.34 8.79
C GLU A 200 -15.63 41.69 10.08
N ASP A 201 -14.60 40.91 10.40
CA ASP A 201 -13.73 41.17 11.55
C ASP A 201 -12.43 41.51 10.81
N ALA A 202 -12.03 42.77 10.83
CA ALA A 202 -10.83 43.18 10.11
C ALA A 202 -9.54 43.07 10.92
N ARG A 203 -9.66 42.66 12.17
CA ARG A 203 -8.49 42.55 13.05
C ARG A 203 -7.60 41.38 12.62
N GLN A 204 -6.29 41.60 12.65
CA GLN A 204 -5.35 40.54 12.29
C GLN A 204 -5.20 39.59 13.47
N TYR A 205 -4.81 38.35 13.22
CA TYR A 205 -4.62 37.37 14.28
C TYR A 205 -3.56 36.34 13.88
N ALA A 206 -2.83 35.86 14.88
CA ALA A 206 -1.76 34.90 14.68
C ALA A 206 -2.27 33.58 14.08
N PRO A 207 -1.41 32.88 13.36
CA PRO A 207 -1.85 31.61 12.76
C PRO A 207 -2.13 30.47 13.73
N SER A 208 -3.04 29.59 13.30
CA SER A 208 -3.38 28.40 14.06
C SER A 208 -3.49 27.25 13.07
N ILE A 209 -2.61 26.28 13.21
CA ILE A 209 -2.59 25.12 12.34
C ILE A 209 -3.83 24.28 12.59
N LYS A 210 -4.62 24.06 11.54
CA LYS A 210 -5.85 23.29 11.66
C LYS A 210 -5.71 21.91 11.01
N ALA A 211 -5.14 21.86 9.81
CA ALA A 211 -4.91 20.60 9.12
C ALA A 211 -3.51 20.14 9.52
N LYS A 212 -3.39 18.95 10.08
CA LYS A 212 -2.09 18.44 10.50
C LYS A 212 -1.80 17.06 9.94
N PHE A 213 -0.66 16.49 10.34
CA PHE A 213 -0.29 15.17 9.89
C PHE A 213 -0.20 14.27 11.11
N PRO A 214 -0.17 12.94 10.92
CA PRO A 214 -0.09 12.00 12.03
C PRO A 214 1.07 12.20 12.99
N ALA A 215 0.86 11.81 14.26
CA ALA A 215 1.91 11.92 15.25
C ALA A 215 3.02 10.98 14.79
N ASP A 216 2.62 9.86 14.19
CA ASP A 216 3.56 8.86 13.69
C ASP A 216 3.17 8.32 12.33
N THR A 217 4.05 8.47 11.35
CA THR A 217 3.80 7.96 10.02
C THR A 217 4.83 6.87 9.72
N TYR A 218 4.34 5.70 9.34
CA TYR A 218 5.23 4.61 9.00
C TYR A 218 5.27 4.47 7.49
N ALA A 219 6.48 4.44 6.93
CA ALA A 219 6.63 4.31 5.49
C ALA A 219 7.69 3.26 5.19
N LEU A 220 7.63 2.68 4.00
CA LEU A 220 8.61 1.67 3.62
C LEU A 220 9.68 2.27 2.69
N THR A 221 10.90 1.75 2.78
CA THR A 221 11.98 2.27 1.93
C THR A 221 11.60 2.22 0.46
N GLY A 222 11.89 3.30 -0.25
CA GLY A 222 11.58 3.39 -1.67
C GLY A 222 10.23 4.04 -1.95
N GLN A 223 9.40 4.13 -0.91
CA GLN A 223 8.07 4.71 -1.00
C GLN A 223 8.14 6.23 -0.99
N MET A 224 7.05 6.88 -1.39
CA MET A 224 6.98 8.33 -1.38
C MET A 224 6.08 8.73 -0.22
N VAL A 225 6.46 9.77 0.51
CA VAL A 225 5.68 10.23 1.65
C VAL A 225 5.26 11.70 1.51
N THR A 226 3.99 11.98 1.81
CA THR A 226 3.48 13.33 1.76
C THR A 226 2.82 13.69 3.08
N LEU A 227 3.22 14.83 3.65
CA LEU A 227 2.67 15.30 4.92
C LEU A 227 1.96 16.64 4.65
N GLU A 228 0.86 16.90 5.37
CA GLU A 228 0.12 18.14 5.17
C GLU A 228 0.08 19.04 6.39
N CYS A 229 -0.05 20.33 6.14
CA CYS A 229 -0.14 21.32 7.20
C CYS A 229 -0.78 22.59 6.68
N PHE A 230 -1.87 23.01 7.31
CA PHE A 230 -2.54 24.22 6.87
C PHE A 230 -3.15 24.96 8.05
N ALA A 231 -3.00 26.27 8.05
CA ALA A 231 -3.47 27.10 9.14
C ALA A 231 -4.43 28.23 8.76
N PHE A 232 -5.18 28.69 9.77
CA PHE A 232 -6.08 29.82 9.62
C PHE A 232 -5.20 30.97 10.12
N GLY A 233 -5.48 32.19 9.67
CA GLY A 233 -4.69 33.32 10.12
C GLY A 233 -4.92 34.54 9.24
N ASN A 234 -4.74 35.72 9.81
CA ASN A 234 -4.92 36.96 9.07
C ASN A 234 -3.77 37.86 9.47
N PRO A 235 -2.86 38.18 8.54
CA PRO A 235 -2.86 37.75 7.14
C PRO A 235 -2.71 36.24 6.94
N VAL A 236 -3.00 35.80 5.73
CA VAL A 236 -2.89 34.39 5.37
C VAL A 236 -1.49 33.94 5.76
N PRO A 237 -1.38 32.88 6.57
CA PRO A 237 -0.03 32.46 6.93
C PRO A 237 0.77 31.77 5.84
N GLN A 238 2.09 31.77 6.05
CA GLN A 238 3.00 31.10 5.15
C GLN A 238 3.47 29.84 5.90
N ILE A 239 3.57 28.74 5.18
CA ILE A 239 3.99 27.47 5.78
C ILE A 239 5.42 27.11 5.39
N LYS A 240 6.17 26.58 6.35
CA LYS A 240 7.55 26.16 6.12
C LYS A 240 7.75 24.83 6.86
N TRP A 241 8.57 23.96 6.29
CA TRP A 241 8.85 22.66 6.89
C TRP A 241 10.34 22.44 7.11
N ARG A 242 10.67 21.66 8.12
CA ARG A 242 12.05 21.34 8.43
C ARG A 242 12.07 20.02 9.19
N LYS A 243 13.21 19.33 9.14
CA LYS A 243 13.38 18.09 9.89
C LYS A 243 14.26 18.47 11.06
N LEU A 244 13.91 18.02 12.26
CA LEU A 244 14.73 18.34 13.41
C LEU A 244 16.02 17.53 13.34
N ASP A 245 17.14 18.15 13.67
CA ASP A 245 18.43 17.48 13.66
C ASP A 245 19.38 18.19 14.62
N GLY A 246 20.56 17.61 14.81
CA GLY A 246 21.54 18.22 15.69
C GLY A 246 22.00 19.57 15.18
N SER A 247 22.16 19.66 13.86
CA SER A 247 22.60 20.90 13.22
C SER A 247 21.77 22.08 13.71
N GLN A 248 22.46 23.15 14.08
CA GLN A 248 21.78 24.34 14.58
C GLN A 248 21.69 25.43 13.51
N THR A 249 21.69 25.02 12.24
CA THR A 249 21.59 25.98 11.15
C THR A 249 20.20 25.85 10.51
N SER A 250 19.69 26.97 10.01
CA SER A 250 18.38 26.98 9.37
C SER A 250 18.37 26.16 8.08
N LYS A 251 17.49 25.15 8.05
CA LYS A 251 17.34 24.28 6.89
C LYS A 251 15.85 24.07 6.64
N TRP A 252 15.37 24.41 5.45
CA TRP A 252 13.95 24.23 5.14
C TRP A 252 13.79 23.22 4.01
N LEU A 253 12.71 22.46 4.04
CA LEU A 253 12.45 21.44 3.03
C LEU A 253 11.31 21.79 2.08
N SER A 254 10.43 22.70 2.52
CA SER A 254 9.28 23.09 1.72
C SER A 254 8.71 24.40 2.23
N SER A 255 8.09 25.16 1.33
CA SER A 255 7.49 26.43 1.69
C SER A 255 6.02 26.39 1.31
N GLU A 256 5.47 25.18 1.29
CA GLU A 256 4.07 24.96 0.92
C GLU A 256 3.35 24.09 1.96
N PRO A 257 2.01 24.03 1.90
CA PRO A 257 1.24 23.22 2.85
C PRO A 257 1.65 21.74 2.79
N LEU A 258 2.15 21.29 1.64
CA LEU A 258 2.58 19.91 1.52
C LEU A 258 4.10 19.75 1.53
N LEU A 259 4.55 18.67 2.14
CA LEU A 259 5.95 18.31 2.19
C LEU A 259 5.99 16.94 1.53
N HIS A 260 6.78 16.82 0.46
CA HIS A 260 6.90 15.55 -0.24
C HIS A 260 8.31 15.02 -0.10
N ILE A 261 8.44 13.73 0.22
CA ILE A 261 9.77 13.11 0.31
C ILE A 261 9.76 11.92 -0.64
N GLN A 262 10.54 12.02 -1.70
CA GLN A 262 10.63 10.95 -2.70
C GLN A 262 11.57 9.83 -2.27
N ASN A 263 11.28 8.62 -2.74
CA ASN A 263 12.11 7.45 -2.49
C ASN A 263 12.76 7.50 -1.10
N VAL A 264 11.96 7.41 -0.06
CA VAL A 264 12.49 7.48 1.30
C VAL A 264 13.40 6.32 1.64
N ASP A 265 14.33 6.58 2.56
CA ASP A 265 15.24 5.54 3.02
C ASP A 265 15.34 5.73 4.52
N PHE A 266 16.15 4.89 5.17
CA PHE A 266 16.28 4.97 6.61
C PHE A 266 16.70 6.34 7.14
N GLU A 267 17.53 7.05 6.39
CA GLU A 267 17.98 8.36 6.85
C GLU A 267 16.87 9.39 6.95
N ASP A 268 15.74 9.13 6.29
CA ASP A 268 14.62 10.07 6.34
C ASP A 268 13.80 9.95 7.62
N GLU A 269 14.06 8.92 8.41
CA GLU A 269 13.33 8.75 9.66
C GLU A 269 13.70 9.91 10.59
N GLY A 270 12.72 10.41 11.32
CA GLY A 270 12.97 11.52 12.23
C GLY A 270 11.72 12.32 12.53
N THR A 271 11.90 13.43 13.23
CA THR A 271 10.78 14.29 13.60
C THR A 271 10.75 15.49 12.66
N TYR A 272 9.56 15.77 12.12
CA TYR A 272 9.39 16.88 11.19
C TYR A 272 8.49 17.93 11.77
N GLU A 273 8.79 19.18 11.44
CA GLU A 273 8.00 20.28 11.97
C GLU A 273 7.44 21.19 10.91
N CYS A 274 6.15 21.51 11.06
CA CYS A 274 5.47 22.44 10.18
C CYS A 274 5.36 23.75 10.95
N GLU A 275 5.69 24.85 10.30
CA GLU A 275 5.59 26.16 10.92
C GLU A 275 4.67 27.05 10.09
N ALA A 276 3.72 27.70 10.74
CA ALA A 276 2.79 28.61 10.07
C ALA A 276 3.05 29.99 10.65
N GLU A 277 3.36 30.96 9.80
CA GLU A 277 3.68 32.29 10.32
C GLU A 277 3.10 33.45 9.52
N ASN A 278 2.80 34.53 10.23
CA ASN A 278 2.35 35.78 9.61
C ASN A 278 2.89 36.89 10.51
N ILE A 279 2.63 38.15 10.17
CA ILE A 279 3.18 39.25 10.96
C ILE A 279 2.70 39.32 12.41
N LYS A 280 1.68 38.54 12.76
CA LYS A 280 1.16 38.56 14.12
C LYS A 280 1.76 37.47 15.02
N GLY A 281 2.31 36.42 14.42
CA GLY A 281 2.88 35.36 15.24
C GLY A 281 3.14 34.07 14.47
N ARG A 282 3.31 32.98 15.20
CA ARG A 282 3.59 31.70 14.57
C ARG A 282 3.03 30.52 15.36
N ASP A 283 2.78 29.42 14.66
CA ASP A 283 2.28 28.21 15.30
C ASP A 283 3.11 27.09 14.68
N THR A 284 3.32 26.01 15.42
CA THR A 284 4.09 24.89 14.91
C THR A 284 3.41 23.59 15.30
N TYR A 285 3.79 22.54 14.60
CA TYR A 285 3.26 21.21 14.86
C TYR A 285 4.32 20.21 14.43
N GLN A 286 4.54 19.17 15.23
CA GLN A 286 5.55 18.15 14.91
C GLN A 286 4.95 16.75 14.88
N GLY A 287 5.59 15.89 14.10
CA GLY A 287 5.17 14.51 13.98
C GLY A 287 6.38 13.73 13.51
N ARG A 288 6.31 12.41 13.59
CA ARG A 288 7.44 11.59 13.19
C ARG A 288 7.19 10.72 11.97
N ILE A 289 8.28 10.39 11.30
CA ILE A 289 8.24 9.49 10.16
C ILE A 289 9.17 8.36 10.60
N ILE A 290 8.66 7.13 10.57
CA ILE A 290 9.43 5.96 10.97
C ILE A 290 9.60 5.12 9.71
N ILE A 291 10.82 4.71 9.43
CA ILE A 291 11.07 3.93 8.22
C ILE A 291 11.28 2.44 8.45
N HIS A 292 10.45 1.64 7.79
CA HIS A 292 10.54 0.18 7.88
C HIS A 292 10.86 -0.33 6.48
N ALA A 293 10.93 -1.65 6.33
CA ALA A 293 11.25 -2.22 5.02
C ALA A 293 10.75 -3.66 4.87
N GLN A 294 10.27 -3.98 3.66
CA GLN A 294 9.78 -5.32 3.37
C GLN A 294 10.98 -6.23 3.31
N PRO A 295 10.78 -7.54 3.58
CA PRO A 295 11.88 -8.48 3.54
C PRO A 295 12.53 -8.56 2.16
N ASP A 296 13.82 -8.86 2.16
CA ASP A 296 14.57 -9.02 0.93
C ASP A 296 15.64 -10.07 1.24
N TRP A 297 16.05 -10.83 0.24
CA TRP A 297 17.05 -11.87 0.46
C TRP A 297 18.49 -11.39 0.41
N LEU A 298 19.31 -11.93 1.30
CA LEU A 298 20.72 -11.61 1.35
C LEU A 298 21.45 -12.89 0.95
N ASP A 299 20.94 -14.00 1.45
CA ASP A 299 21.50 -15.32 1.16
C ASP A 299 20.36 -16.33 1.05
N VAL A 300 20.40 -17.16 0.01
CA VAL A 300 19.35 -18.15 -0.18
C VAL A 300 19.91 -19.52 -0.52
N ILE A 301 19.05 -20.53 -0.51
CA ILE A 301 19.45 -21.88 -0.84
C ILE A 301 19.51 -22.05 -2.35
N THR A 302 20.39 -22.93 -2.81
CA THR A 302 20.54 -23.20 -4.23
C THR A 302 20.56 -24.72 -4.40
N ASP A 303 20.16 -25.20 -5.58
CA ASP A 303 20.13 -26.63 -5.84
C ASP A 303 21.38 -27.32 -5.31
N THR A 304 21.18 -28.36 -4.51
CA THR A 304 22.30 -29.09 -3.93
C THR A 304 22.21 -30.59 -4.17
N GLU A 305 23.33 -31.17 -4.55
CA GLU A 305 23.42 -32.61 -4.78
C GLU A 305 24.36 -33.18 -3.73
N ALA A 306 23.82 -34.01 -2.83
CA ALA A 306 24.62 -34.60 -1.78
C ALA A 306 24.50 -36.12 -1.79
N ASP A 307 25.50 -36.79 -1.22
CA ASP A 307 25.51 -38.25 -1.17
C ASP A 307 24.72 -38.75 0.04
N ILE A 308 24.07 -39.90 -0.12
CA ILE A 308 23.28 -40.48 0.96
C ILE A 308 24.13 -40.66 2.22
N GLY A 309 23.49 -40.49 3.38
CA GLY A 309 24.20 -40.63 4.63
C GLY A 309 25.02 -39.42 5.00
N SER A 310 25.06 -38.44 4.09
CA SER A 310 25.81 -37.20 4.31
C SER A 310 25.02 -36.18 5.10
N ASP A 311 25.71 -35.19 5.66
CA ASP A 311 25.07 -34.12 6.41
C ASP A 311 25.10 -32.87 5.54
N LEU A 312 23.97 -32.17 5.47
CA LEU A 312 23.88 -30.97 4.65
C LEU A 312 23.55 -29.72 5.46
N ARG A 313 24.18 -28.61 5.10
CA ARG A 313 23.95 -27.34 5.78
C ARG A 313 23.27 -26.37 4.83
N TRP A 314 22.01 -26.04 5.13
CA TRP A 314 21.26 -25.10 4.32
C TRP A 314 20.80 -23.90 5.12
N SER A 315 20.84 -22.72 4.51
CA SER A 315 20.44 -21.51 5.20
C SER A 315 19.96 -20.40 4.29
N CYS A 316 19.13 -19.52 4.84
CA CYS A 316 18.61 -18.36 4.12
C CYS A 316 18.64 -17.18 5.07
N VAL A 317 19.18 -16.07 4.60
CA VAL A 317 19.26 -14.86 5.41
C VAL A 317 18.53 -13.74 4.68
N ALA A 318 17.66 -13.04 5.39
CA ALA A 318 16.89 -11.96 4.78
C ALA A 318 17.01 -10.66 5.57
N SER A 319 16.94 -9.54 4.86
CA SER A 319 16.99 -8.23 5.50
C SER A 319 15.55 -7.77 5.69
N GLY A 320 15.37 -6.62 6.34
CA GLY A 320 14.03 -6.12 6.56
C GLY A 320 13.84 -5.53 7.94
N LYS A 321 12.81 -4.72 8.09
CA LYS A 321 12.51 -4.08 9.37
C LYS A 321 11.00 -3.95 9.50
N PRO A 322 10.41 -4.54 10.57
CA PRO A 322 11.08 -5.31 11.61
C PRO A 322 11.82 -6.55 11.07
N ARG A 323 12.79 -7.03 11.84
CA ARG A 323 13.57 -8.21 11.45
C ARG A 323 12.59 -9.33 11.09
N PRO A 324 12.66 -9.83 9.84
CA PRO A 324 11.76 -10.90 9.41
C PRO A 324 12.05 -12.26 10.04
N ALA A 325 11.02 -13.11 10.08
CA ALA A 325 11.16 -14.44 10.64
C ALA A 325 11.20 -15.43 9.48
N VAL A 326 12.14 -16.36 9.52
CA VAL A 326 12.26 -17.34 8.45
C VAL A 326 11.68 -18.69 8.83
N ARG A 327 10.94 -19.29 7.90
CA ARG A 327 10.35 -20.61 8.11
C ARG A 327 10.66 -21.42 6.86
N TRP A 328 10.36 -22.73 6.90
CA TRP A 328 10.67 -23.56 5.74
C TRP A 328 9.52 -24.41 5.21
N LEU A 329 9.68 -24.84 3.96
CA LEU A 329 8.69 -25.68 3.29
C LEU A 329 9.40 -26.82 2.57
N ARG A 330 8.73 -27.97 2.50
CA ARG A 330 9.27 -29.13 1.81
C ARG A 330 8.15 -29.59 0.88
N ASP A 331 8.36 -29.43 -0.42
CA ASP A 331 7.36 -29.81 -1.40
C ASP A 331 6.04 -29.12 -1.11
N GLY A 332 6.11 -27.84 -0.76
CA GLY A 332 4.91 -27.05 -0.48
C GLY A 332 4.32 -27.21 0.91
N GLN A 333 4.96 -28.02 1.74
CA GLN A 333 4.46 -28.25 3.11
C GLN A 333 5.41 -27.74 4.19
N PRO A 334 4.86 -27.19 5.28
CA PRO A 334 5.65 -26.67 6.39
C PRO A 334 6.66 -27.70 6.87
N LEU A 335 7.92 -27.30 6.99
CA LEU A 335 8.97 -28.20 7.44
C LEU A 335 9.48 -27.80 8.83
N ALA A 336 9.34 -28.70 9.79
CA ALA A 336 9.79 -28.44 11.15
C ALA A 336 10.78 -29.50 11.61
N SER A 337 11.42 -29.27 12.76
CA SER A 337 12.38 -30.22 13.30
C SER A 337 11.78 -31.62 13.41
N GLN A 338 12.58 -32.63 13.12
CA GLN A 338 12.12 -34.01 13.18
C GLN A 338 13.28 -35.00 13.33
N ASN A 339 13.03 -36.24 12.95
CA ASN A 339 14.00 -37.32 13.04
C ASN A 339 15.44 -36.88 12.79
N ARG A 340 15.77 -36.60 11.53
CA ARG A 340 17.13 -36.19 11.17
C ARG A 340 17.16 -34.77 10.63
N ILE A 341 16.06 -34.05 10.80
CA ILE A 341 15.98 -32.68 10.30
C ILE A 341 15.77 -31.66 11.42
N GLU A 342 16.70 -30.73 11.54
CA GLU A 342 16.61 -29.69 12.56
C GLU A 342 16.38 -28.34 11.91
N VAL A 343 15.24 -27.72 12.22
CA VAL A 343 14.90 -26.42 11.67
C VAL A 343 14.97 -25.36 12.76
N SER A 344 15.96 -24.48 12.66
CA SER A 344 16.12 -23.41 13.62
C SER A 344 16.33 -22.09 12.89
N GLY A 345 15.28 -21.28 12.85
CA GLY A 345 15.37 -20.00 12.17
C GLY A 345 15.63 -20.19 10.68
N GLY A 346 16.57 -19.41 10.15
CA GLY A 346 16.88 -19.51 8.74
C GLY A 346 17.87 -20.60 8.39
N GLU A 347 18.09 -21.52 9.32
CA GLU A 347 19.04 -22.62 9.07
C GLU A 347 18.39 -23.99 9.11
N LEU A 348 18.68 -24.79 8.09
CA LEU A 348 18.15 -26.13 7.97
C LEU A 348 19.33 -27.10 7.84
N ARG A 349 19.41 -28.06 8.76
CA ARG A 349 20.50 -29.03 8.74
C ARG A 349 20.02 -30.47 8.80
N PHE A 350 20.41 -31.25 7.80
CA PHE A 350 20.04 -32.66 7.73
C PHE A 350 21.17 -33.50 8.30
N SER A 351 20.81 -34.56 9.03
CA SER A 351 21.79 -35.46 9.61
C SER A 351 21.71 -36.81 8.92
N LYS A 352 22.70 -37.10 8.09
CA LYS A 352 22.75 -38.36 7.34
C LYS A 352 21.54 -38.47 6.42
N LEU A 353 21.62 -37.78 5.29
CA LEU A 353 20.56 -37.75 4.29
C LEU A 353 20.12 -39.16 3.84
N VAL A 354 18.94 -39.21 3.23
CA VAL A 354 18.40 -40.46 2.72
C VAL A 354 17.91 -40.19 1.31
N LEU A 355 18.01 -41.18 0.44
CA LEU A 355 17.57 -41.05 -0.94
C LEU A 355 16.18 -40.42 -1.05
N GLU A 356 15.40 -40.54 0.01
CA GLU A 356 14.04 -40.02 0.03
C GLU A 356 13.94 -38.53 0.40
N ASP A 357 15.03 -37.95 0.90
CA ASP A 357 15.01 -36.54 1.26
C ASP A 357 14.96 -35.65 0.03
N SER A 358 15.31 -36.21 -1.12
CA SER A 358 15.30 -35.46 -2.37
C SER A 358 13.94 -34.81 -2.57
N GLY A 359 13.94 -33.63 -3.18
CA GLY A 359 12.70 -32.91 -3.42
C GLY A 359 12.90 -31.42 -3.49
N MET A 360 11.79 -30.67 -3.50
CA MET A 360 11.85 -29.22 -3.57
C MET A 360 11.71 -28.62 -2.18
N TYR A 361 12.55 -27.62 -1.89
CA TYR A 361 12.50 -26.95 -0.60
C TYR A 361 12.40 -25.45 -0.79
N GLN A 362 11.81 -24.78 0.20
CA GLN A 362 11.64 -23.34 0.14
C GLN A 362 11.78 -22.72 1.51
N CYS A 363 12.48 -21.60 1.58
CA CYS A 363 12.62 -20.88 2.83
C CYS A 363 11.79 -19.62 2.63
N VAL A 364 11.02 -19.26 3.65
CA VAL A 364 10.15 -18.09 3.58
C VAL A 364 10.53 -17.06 4.64
N ALA A 365 10.69 -15.81 4.22
CA ALA A 365 11.03 -14.74 5.15
C ALA A 365 9.85 -13.79 5.23
N GLU A 366 9.37 -13.54 6.44
CA GLU A 366 8.22 -12.67 6.61
C GLU A 366 8.29 -11.69 7.77
N ASN A 367 7.68 -10.53 7.56
CA ASN A 367 7.57 -9.53 8.59
C ASN A 367 6.24 -8.82 8.34
N LYS A 368 5.85 -7.97 9.27
CA LYS A 368 4.61 -7.22 9.21
C LYS A 368 4.31 -6.58 7.84
N HIS A 369 5.34 -6.31 7.05
CA HIS A 369 5.16 -5.65 5.77
C HIS A 369 5.23 -6.49 4.49
N GLY A 370 5.58 -7.76 4.60
CA GLY A 370 5.65 -8.56 3.40
C GLY A 370 6.31 -9.91 3.58
N THR A 371 6.34 -10.68 2.49
CA THR A 371 6.93 -12.01 2.50
C THR A 371 7.71 -12.26 1.22
N VAL A 372 8.81 -12.99 1.33
CA VAL A 372 9.60 -13.34 0.16
C VAL A 372 9.87 -14.84 0.19
N TYR A 373 10.01 -15.43 -0.99
CA TYR A 373 10.24 -16.85 -1.11
C TYR A 373 11.52 -17.17 -1.87
N ALA A 374 12.16 -18.27 -1.48
CA ALA A 374 13.38 -18.74 -2.13
C ALA A 374 13.24 -20.25 -2.21
N SER A 375 13.54 -20.83 -3.36
CA SER A 375 13.41 -22.27 -3.53
C SER A 375 14.64 -22.93 -4.13
N ALA A 376 14.79 -24.23 -3.88
CA ALA A 376 15.90 -25.00 -4.40
C ALA A 376 15.54 -26.49 -4.39
N GLU A 377 16.20 -27.26 -5.26
CA GLU A 377 15.96 -28.68 -5.33
C GLU A 377 17.13 -29.47 -4.74
N LEU A 378 16.81 -30.37 -3.80
CA LEU A 378 17.83 -31.19 -3.16
C LEU A 378 17.85 -32.56 -3.83
N THR A 379 19.03 -33.00 -4.25
CA THR A 379 19.17 -34.29 -4.89
C THR A 379 20.11 -35.21 -4.11
N VAL A 380 19.52 -36.10 -3.31
CA VAL A 380 20.30 -37.05 -2.53
C VAL A 380 20.61 -38.24 -3.42
N GLN A 381 21.89 -38.46 -3.70
CA GLN A 381 22.31 -39.56 -4.55
C GLN A 381 23.15 -40.59 -3.81
N ALA A 382 22.85 -41.86 -4.03
CA ALA A 382 23.58 -42.95 -3.39
C ALA A 382 25.05 -42.92 -3.80
C1 GOL B . -18.93 -2.07 -2.50
O1 GOL B . -20.33 -1.34 -2.22
C2 GOL B . -18.64 -2.88 -3.58
O2 GOL B . -19.36 -2.48 -4.66
C3 GOL B . -17.64 -3.52 -3.35
O3 GOL B . -16.14 -3.89 -3.23
#